data_1K63
#
_entry.id   1K63
#
_cell.length_a   46.180
_cell.length_b   68.951
_cell.length_c   80.681
_cell.angle_alpha   90.00
_cell.angle_beta   90.00
_cell.angle_gamma   90.00
#
_symmetry.space_group_name_H-M   'P 21 21 21'
#
loop_
_entity.id
_entity.type
_entity.pdbx_description
1 polymer '1,3,4,6-tetrachloro-1,4-cyclohexadiene hydrolase'
2 non-polymer 'BROMIDE ION'
3 non-polymer 'CHLORIDE ION'
4 non-polymer 'MAGNESIUM ION'
5 non-polymer 2-BROMO-2-PROPENE-1-OL
6 water water
#
_entity_poly.entity_id   1
_entity_poly.type   'polypeptide(L)'
_entity_poly.pdbx_seq_one_letter_code
;SLGAKPFGEKKFIEIKGRRMAYIDEGTGDPILFQHGNPTSSYLWRNIMPHCAGLGRLIACDLIGMGDSDKLDPSGPERYA
YAEHRDYLDALWEALDLGDRVVLVVHDWGSALGFDWARRHRERVQGIAYMEAIAMPIEWADFPEQDRDLFQAFRSQAGEE
LVLQDNVFVEQVLPGLILRPLSEAEMAAYREPFLAAGEARRPTLSWPRQIPIAGTPADVVAIARDYAGWLSESPIPKLFI
NAEPGALTTGRMRDFCRTWPNQTEITVAGAHFIQEDSPDEIGAAIAAFVRRLRPA
;
_entity_poly.pdbx_strand_id   A
#
loop_
_chem_comp.id
_chem_comp.type
_chem_comp.name
_chem_comp.formula
BR non-polymer 'BROMIDE ION' 'Br -1'
BRP non-polymer 2-BROMO-2-PROPENE-1-OL 'C3 H5 Br O'
CL non-polymer 'CHLORIDE ION' 'Cl -1'
MG non-polymer 'MAGNESIUM ION' 'Mg 2'
#
# COMPACT_ATOMS: atom_id res chain seq x y z
N SER A 1 3.07 13.29 -15.11
CA SER A 1 2.21 12.79 -16.24
C SER A 1 1.97 11.30 -16.07
N LEU A 2 1.23 10.72 -17.02
CA LEU A 2 1.00 9.29 -17.04
C LEU A 2 2.27 8.76 -17.69
N GLY A 3 2.37 7.44 -17.83
CA GLY A 3 3.56 6.84 -18.41
C GLY A 3 3.80 5.45 -17.84
N ALA A 4 4.44 4.57 -18.61
CA ALA A 4 4.70 3.20 -18.19
C ALA A 4 6.12 2.93 -17.63
N LYS A 5 6.99 3.91 -17.76
CA LYS A 5 8.37 3.73 -17.30
C LYS A 5 8.51 3.74 -15.79
N PRO A 6 9.31 2.81 -15.24
CA PRO A 6 9.44 2.81 -13.78
C PRO A 6 10.20 4.06 -13.36
N PHE A 7 10.07 4.47 -12.11
CA PHE A 7 10.73 5.68 -11.61
C PHE A 7 12.26 5.53 -11.49
N GLY A 8 12.73 4.33 -11.21
CA GLY A 8 14.18 4.17 -11.16
C GLY A 8 14.45 2.70 -11.20
N GLU A 9 15.71 2.32 -11.09
CA GLU A 9 16.04 0.90 -11.09
C GLU A 9 16.02 0.42 -9.65
N LYS A 10 15.76 -0.87 -9.48
CA LYS A 10 15.67 -1.48 -8.16
C LYS A 10 17.05 -1.67 -7.53
N LYS A 11 17.12 -1.39 -6.23
CA LYS A 11 18.32 -1.63 -5.43
C LYS A 11 17.88 -2.81 -4.56
N PHE A 12 18.83 -3.55 -4.01
CA PHE A 12 18.52 -4.74 -3.22
C PHE A 12 19.26 -4.75 -1.88
N ILE A 13 18.58 -5.23 -0.84
CA ILE A 13 19.17 -5.37 0.49
C ILE A 13 18.80 -6.76 1.00
N GLU A 14 19.74 -7.42 1.67
CA GLU A 14 19.48 -8.75 2.22
C GLU A 14 18.76 -8.61 3.54
N ILE A 15 17.61 -9.27 3.63
CA ILE A 15 16.80 -9.23 4.84
C ILE A 15 16.44 -10.67 5.21
N LYS A 16 16.95 -11.13 6.34
CA LYS A 16 16.61 -12.46 6.83
C LYS A 16 16.83 -13.65 5.90
N GLY A 17 17.78 -13.51 4.98
CA GLY A 17 18.08 -14.58 4.03
C GLY A 17 17.49 -14.33 2.64
N ARG A 18 16.62 -13.33 2.55
CA ARG A 18 15.98 -13.04 1.27
C ARG A 18 16.40 -11.66 0.78
N ARG A 19 16.44 -11.51 -0.53
CA ARG A 19 16.81 -10.23 -1.07
C ARG A 19 15.53 -9.41 -1.23
N MET A 20 15.51 -8.16 -0.73
CA MET A 20 14.32 -7.33 -0.94
C MET A 20 14.67 -6.18 -1.87
N ALA A 21 13.74 -5.82 -2.76
CA ALA A 21 13.95 -4.76 -3.72
C ALA A 21 13.26 -3.42 -3.37
N TYR A 22 13.90 -2.33 -3.75
CA TYR A 22 13.32 -1.00 -3.51
C TYR A 22 13.92 0.06 -4.43
N ILE A 23 13.15 1.10 -4.66
CA ILE A 23 13.57 2.23 -5.46
C ILE A 23 14.07 3.24 -4.42
N ASP A 24 15.21 3.90 -4.72
CA ASP A 24 15.76 4.89 -3.80
C ASP A 24 16.43 5.97 -4.65
N GLU A 25 15.82 7.14 -4.73
CA GLU A 25 16.38 8.23 -5.55
C GLU A 25 16.46 9.54 -4.78
N GLY A 26 17.48 10.35 -5.08
CA GLY A 26 17.60 11.64 -4.41
C GLY A 26 18.21 11.61 -3.02
N THR A 27 18.27 12.78 -2.40
CA THR A 27 18.84 12.93 -1.09
C THR A 27 17.97 13.73 -0.15
N GLY A 28 18.22 13.60 1.14
CA GLY A 28 17.43 14.35 2.10
C GLY A 28 16.62 13.43 3.01
N ASP A 29 15.74 14.00 3.83
CA ASP A 29 14.90 13.19 4.72
C ASP A 29 14.01 12.36 3.79
N PRO A 30 13.68 11.15 4.21
CA PRO A 30 12.84 10.26 3.38
C PRO A 30 11.38 10.58 3.13
N ILE A 31 10.92 10.18 1.97
CA ILE A 31 9.50 10.28 1.63
C ILE A 31 9.38 8.85 1.17
N LEU A 32 8.68 8.07 1.98
CA LEU A 32 8.57 6.63 1.82
C LEU A 32 7.20 6.24 1.28
N PHE A 33 7.18 5.69 0.08
CA PHE A 33 5.94 5.30 -0.59
C PHE A 33 5.74 3.79 -0.48
N GLN A 34 4.60 3.34 0.07
CA GLN A 34 4.42 1.89 0.24
C GLN A 34 3.14 1.37 -0.39
N HIS A 35 3.33 0.48 -1.37
CA HIS A 35 2.24 -0.17 -2.10
C HIS A 35 1.63 -1.31 -1.27
N GLY A 36 0.49 -1.80 -1.74
CA GLY A 36 -0.22 -2.90 -1.12
C GLY A 36 -0.45 -4.07 -2.11
N ASN A 37 -1.63 -4.69 -2.03
CA ASN A 37 -1.90 -5.88 -2.88
C ASN A 37 -2.67 -5.52 -4.14
N PRO A 38 -2.32 -6.09 -5.33
CA PRO A 38 -1.27 -7.04 -5.72
C PRO A 38 -0.23 -6.22 -6.49
N THR A 39 0.11 -5.06 -5.94
CA THR A 39 1.01 -4.15 -6.66
C THR A 39 2.46 -4.25 -6.19
N SER A 40 3.23 -3.21 -6.51
CA SER A 40 4.64 -3.13 -6.09
C SER A 40 5.01 -1.64 -6.15
N SER A 41 6.30 -1.31 -5.97
CA SER A 41 6.77 0.07 -6.05
C SER A 41 6.33 0.76 -7.35
N TYR A 42 6.10 -0.03 -8.39
CA TYR A 42 5.68 0.50 -9.71
C TYR A 42 4.43 1.39 -9.60
N LEU A 43 3.61 1.11 -8.61
CA LEU A 43 2.36 1.86 -8.41
C LEU A 43 2.60 3.37 -8.30
N TRP A 44 3.75 3.73 -7.73
CA TRP A 44 4.08 5.15 -7.47
C TRP A 44 4.92 5.85 -8.53
N ARG A 45 5.19 5.17 -9.63
CA ARG A 45 6.09 5.72 -10.63
C ARG A 45 5.83 7.14 -11.18
N ASN A 46 4.58 7.53 -11.28
CA ASN A 46 4.22 8.85 -11.81
C ASN A 46 3.90 9.87 -10.73
N ILE A 47 3.96 9.42 -9.49
CA ILE A 47 3.69 10.28 -8.35
C ILE A 47 5.00 10.76 -7.72
N MET A 48 5.98 9.88 -7.64
CA MET A 48 7.28 10.25 -7.04
C MET A 48 8.00 11.43 -7.73
N PRO A 49 7.93 11.54 -9.08
CA PRO A 49 8.61 12.67 -9.74
C PRO A 49 8.18 14.05 -9.18
N HIS A 50 6.95 14.15 -8.70
CA HIS A 50 6.47 15.41 -8.14
C HIS A 50 7.24 15.90 -6.93
N CYS A 51 7.88 14.97 -6.24
CA CYS A 51 8.67 15.25 -5.03
C CYS A 51 10.16 15.40 -5.31
N ALA A 52 10.54 15.50 -6.57
CA ALA A 52 11.94 15.69 -6.93
C ALA A 52 12.54 16.88 -6.15
N GLY A 53 13.68 16.65 -5.50
CA GLY A 53 14.35 17.72 -4.78
C GLY A 53 13.84 17.98 -3.37
N LEU A 54 12.77 17.29 -2.98
CA LEU A 54 12.20 17.47 -1.65
C LEU A 54 12.72 16.48 -0.61
N GLY A 55 13.33 15.39 -1.07
CA GLY A 55 13.88 14.40 -0.14
C GLY A 55 14.36 13.14 -0.83
N ARG A 56 14.74 12.16 -0.02
CA ARG A 56 15.18 10.87 -0.51
C ARG A 56 13.88 10.10 -0.82
N LEU A 57 13.62 9.84 -2.11
CA LEU A 57 12.39 9.16 -2.57
C LEU A 57 12.58 7.64 -2.60
N ILE A 58 11.84 6.96 -1.76
CA ILE A 58 11.98 5.52 -1.59
C ILE A 58 10.66 4.77 -1.76
N ALA A 59 10.69 3.64 -2.47
CA ALA A 59 9.50 2.81 -2.64
C ALA A 59 9.96 1.34 -2.57
N CYS A 60 9.62 0.65 -1.48
CA CYS A 60 10.00 -0.76 -1.30
C CYS A 60 8.96 -1.76 -1.82
N ASP A 61 9.44 -2.90 -2.31
CA ASP A 61 8.55 -3.99 -2.77
C ASP A 61 8.40 -4.97 -1.58
N LEU A 62 7.17 -5.26 -1.17
CA LEU A 62 6.97 -6.21 -0.04
C LEU A 62 7.52 -7.60 -0.37
N ILE A 63 7.83 -8.38 0.66
CA ILE A 63 8.38 -9.73 0.44
C ILE A 63 7.48 -10.57 -0.46
N GLY A 64 8.08 -11.29 -1.41
CA GLY A 64 7.28 -12.12 -2.32
C GLY A 64 6.54 -11.34 -3.39
N MET A 65 6.75 -10.02 -3.42
CA MET A 65 6.09 -9.15 -4.39
C MET A 65 7.11 -8.28 -5.15
N GLY A 66 6.70 -7.67 -6.26
CA GLY A 66 7.66 -6.88 -7.03
C GLY A 66 8.91 -7.74 -7.34
N ASP A 67 10.07 -7.16 -7.10
CA ASP A 67 11.29 -7.93 -7.33
C ASP A 67 11.92 -8.47 -6.02
N SER A 68 11.14 -8.49 -4.93
CA SER A 68 11.64 -9.07 -3.67
C SER A 68 11.46 -10.58 -3.78
N ASP A 69 12.36 -11.34 -3.18
CA ASP A 69 12.33 -12.82 -3.24
C ASP A 69 11.04 -13.46 -2.72
N LYS A 70 10.74 -14.65 -3.24
CA LYS A 70 9.61 -15.45 -2.79
C LYS A 70 10.07 -16.26 -1.57
N LEU A 71 9.16 -16.56 -0.66
CA LEU A 71 9.49 -17.37 0.51
C LEU A 71 9.23 -18.84 0.12
N ASP A 72 10.01 -19.78 0.68
CA ASP A 72 9.87 -21.20 0.36
C ASP A 72 10.39 -21.89 1.61
N PRO A 73 9.58 -22.78 2.23
CA PRO A 73 8.22 -23.20 1.85
C PRO A 73 7.13 -22.13 1.84
N SER A 74 6.16 -22.31 0.97
CA SER A 74 5.03 -21.39 0.87
C SER A 74 3.75 -22.25 0.91
N GLY A 75 2.68 -21.69 1.45
CA GLY A 75 1.45 -22.44 1.54
C GLY A 75 0.44 -21.55 2.23
N PRO A 76 -0.70 -22.08 2.63
CA PRO A 76 -1.77 -21.31 3.31
C PRO A 76 -1.33 -20.50 4.53
N GLU A 77 -0.25 -20.91 5.18
CA GLU A 77 0.23 -20.21 6.37
C GLU A 77 1.29 -19.13 6.10
N ARG A 78 1.67 -18.97 4.84
CA ARG A 78 2.71 -18.02 4.49
C ARG A 78 2.15 -16.68 4.02
N TYR A 79 2.97 -15.64 4.22
CA TYR A 79 2.66 -14.28 3.80
C TYR A 79 1.51 -13.62 4.55
N ALA A 80 1.33 -13.97 5.81
CA ALA A 80 0.31 -13.32 6.60
C ALA A 80 0.87 -11.93 6.97
N TYR A 81 0.02 -11.08 7.52
CA TYR A 81 0.40 -9.73 7.87
C TYR A 81 1.66 -9.66 8.72
N ALA A 82 1.67 -10.45 9.80
CA ALA A 82 2.81 -10.42 10.71
C ALA A 82 4.11 -10.74 10.03
N GLU A 83 4.08 -11.66 9.07
CA GLU A 83 5.33 -12.05 8.38
C GLU A 83 5.82 -10.90 7.47
N HIS A 84 4.87 -10.25 6.82
CA HIS A 84 5.20 -9.09 6.00
C HIS A 84 5.82 -7.98 6.85
N ARG A 85 5.24 -7.74 8.02
CA ARG A 85 5.74 -6.70 8.92
C ARG A 85 7.14 -7.02 9.39
N ASP A 86 7.39 -8.30 9.62
CA ASP A 86 8.69 -8.69 10.09
C ASP A 86 9.74 -8.34 9.04
N TYR A 87 9.43 -8.64 7.78
CA TYR A 87 10.39 -8.34 6.71
C TYR A 87 10.50 -6.81 6.48
N LEU A 88 9.35 -6.12 6.41
CA LEU A 88 9.38 -4.66 6.17
C LEU A 88 10.02 -3.84 7.29
N ASP A 89 9.75 -4.19 8.55
CA ASP A 89 10.37 -3.47 9.65
C ASP A 89 11.89 -3.56 9.50
N ALA A 90 12.38 -4.77 9.22
CA ALA A 90 13.84 -4.97 9.07
C ALA A 90 14.39 -4.15 7.88
N LEU A 91 13.70 -4.18 6.74
CA LEU A 91 14.15 -3.39 5.58
C LEU A 91 14.15 -1.88 5.92
N TRP A 92 13.10 -1.39 6.58
CA TRP A 92 13.08 0.06 6.91
C TRP A 92 14.17 0.44 7.89
N GLU A 93 14.51 -0.47 8.80
CA GLU A 93 15.61 -0.20 9.72
C GLU A 93 16.91 -0.15 8.88
N ALA A 94 17.08 -1.15 8.00
CA ALA A 94 18.27 -1.26 7.13
C ALA A 94 18.51 -0.03 6.27
N LEU A 95 17.44 0.66 5.87
CA LEU A 95 17.54 1.88 5.04
C LEU A 95 18.04 3.17 5.72
N ASP A 96 18.20 3.17 7.06
CA ASP A 96 18.73 4.32 7.80
C ASP A 96 17.92 5.56 7.48
N LEU A 97 16.64 5.52 7.86
CA LEU A 97 15.71 6.58 7.56
C LEU A 97 15.76 7.84 8.42
N GLY A 98 16.34 7.75 9.62
CA GLY A 98 16.38 8.92 10.47
C GLY A 98 15.01 9.15 11.11
N ASP A 99 14.78 10.38 11.58
CA ASP A 99 13.53 10.69 12.30
C ASP A 99 12.55 11.70 11.71
N ARG A 100 12.67 12.04 10.43
CA ARG A 100 11.71 12.96 9.80
C ARG A 100 11.19 12.27 8.54
N VAL A 101 10.53 11.13 8.74
CA VAL A 101 10.02 10.36 7.61
C VAL A 101 8.61 10.78 7.19
N VAL A 102 8.40 11.00 5.91
CA VAL A 102 7.04 11.30 5.48
C VAL A 102 6.58 9.99 4.82
N LEU A 103 5.52 9.39 5.36
CA LEU A 103 4.97 8.16 4.79
C LEU A 103 3.87 8.49 3.78
N VAL A 104 3.89 7.78 2.66
CA VAL A 104 2.87 7.92 1.60
C VAL A 104 2.40 6.47 1.41
N VAL A 105 1.14 6.19 1.76
CA VAL A 105 0.68 4.80 1.80
C VAL A 105 -0.65 4.51 1.11
N HIS A 106 -0.84 3.23 0.76
CA HIS A 106 -2.03 2.77 0.08
C HIS A 106 -2.36 1.32 0.47
N ASP A 107 -3.64 0.96 0.60
CA ASP A 107 -4.03 -0.47 0.83
C ASP A 107 -3.23 -1.15 1.96
N TRP A 108 -2.71 -2.35 1.74
CA TRP A 108 -1.93 -3.00 2.80
C TRP A 108 -0.69 -2.17 3.16
N GLY A 109 -0.25 -1.31 2.25
CA GLY A 109 0.90 -0.47 2.58
C GLY A 109 0.49 0.52 3.67
N SER A 110 -0.80 0.88 3.70
CA SER A 110 -1.27 1.78 4.75
C SER A 110 -1.39 1.03 6.09
N ALA A 111 -1.90 -0.21 6.08
CA ALA A 111 -1.94 -0.97 7.33
C ALA A 111 -0.53 -1.12 7.89
N LEU A 112 0.43 -1.49 7.04
CA LEU A 112 1.82 -1.64 7.51
C LEU A 112 2.40 -0.29 7.95
N GLY A 113 2.16 0.75 7.16
CA GLY A 113 2.66 2.08 7.48
C GLY A 113 2.08 2.71 8.75
N PHE A 114 0.78 2.59 8.94
CA PHE A 114 0.10 3.12 10.13
C PHE A 114 0.59 2.38 11.39
N ASP A 115 0.78 1.07 11.27
CA ASP A 115 1.25 0.20 12.34
C ASP A 115 2.68 0.63 12.69
N TRP A 116 3.54 0.80 11.70
CA TRP A 116 4.92 1.23 11.99
C TRP A 116 4.95 2.66 12.63
N ALA A 117 4.11 3.57 12.14
CA ALA A 117 4.09 4.94 12.70
C ALA A 117 3.63 4.91 14.17
N ARG A 118 2.60 4.11 14.45
CA ARG A 118 2.15 4.03 15.84
C ARG A 118 3.35 3.65 16.70
N ARG A 119 4.19 2.75 16.18
CA ARG A 119 5.34 2.25 16.93
C ARG A 119 6.59 3.07 16.89
N HIS A 120 6.64 4.05 16.00
CA HIS A 120 7.81 4.92 15.85
C HIS A 120 7.31 6.35 15.64
N ARG A 121 6.37 6.78 16.48
CA ARG A 121 5.77 8.11 16.31
C ARG A 121 6.69 9.32 16.24
N GLU A 122 7.79 9.31 16.98
CA GLU A 122 8.68 10.49 16.94
C GLU A 122 9.47 10.60 15.65
N ARG A 123 9.45 9.55 14.84
CA ARG A 123 10.22 9.53 13.61
C ARG A 123 9.37 9.85 12.40
N VAL A 124 8.09 10.12 12.62
CA VAL A 124 7.16 10.42 11.52
C VAL A 124 6.79 11.90 11.43
N GLN A 125 7.25 12.54 10.35
CA GLN A 125 7.03 13.97 10.10
C GLN A 125 5.65 14.29 9.49
N GLY A 126 5.10 13.33 8.75
CA GLY A 126 3.80 13.54 8.14
C GLY A 126 3.30 12.23 7.52
N ILE A 127 2.00 12.09 7.35
CA ILE A 127 1.46 10.88 6.75
C ILE A 127 0.47 11.25 5.66
N ALA A 128 0.75 10.78 4.44
CA ALA A 128 -0.15 10.98 3.28
C ALA A 128 -0.75 9.58 3.02
N TYR A 129 -2.07 9.48 2.97
CA TYR A 129 -2.69 8.17 2.76
C TYR A 129 -3.85 8.26 1.78
N MET A 130 -4.19 7.13 1.19
CA MET A 130 -5.28 7.07 0.24
C MET A 130 -5.74 5.61 0.12
N GLU A 131 -7.06 5.39 -0.02
CA GLU A 131 -7.59 4.03 -0.19
C GLU A 131 -6.88 3.05 0.74
N ALA A 132 -7.03 3.40 2.00
CA ALA A 132 -6.37 2.72 3.11
C ALA A 132 -7.27 1.82 3.93
N ILE A 133 -6.65 0.97 4.74
CA ILE A 133 -7.39 0.09 5.66
C ILE A 133 -7.23 0.88 6.96
N ALA A 134 -8.07 1.89 7.13
CA ALA A 134 -7.91 2.77 8.28
C ALA A 134 -8.48 2.28 9.60
N MET A 135 -9.23 1.17 9.57
CA MET A 135 -9.81 0.62 10.81
C MET A 135 -10.44 -0.73 10.45
N PRO A 136 -10.79 -1.54 11.46
CA PRO A 136 -11.41 -2.83 11.13
C PRO A 136 -12.77 -2.49 10.55
N ILE A 137 -13.27 -3.33 9.64
CA ILE A 137 -14.59 -3.06 9.06
C ILE A 137 -15.54 -4.28 9.11
N GLU A 138 -16.73 -4.10 8.56
CA GLU A 138 -17.76 -5.12 8.48
C GLU A 138 -17.99 -5.36 6.99
N TRP A 139 -18.55 -6.50 6.62
CA TRP A 139 -18.83 -6.73 5.22
C TRP A 139 -19.68 -5.59 4.65
N ALA A 140 -20.57 -5.05 5.48
CA ALA A 140 -21.44 -3.94 5.08
C ALA A 140 -20.64 -2.71 4.60
N ASP A 141 -19.42 -2.59 5.10
CA ASP A 141 -18.52 -1.49 4.75
C ASP A 141 -17.70 -1.77 3.49
N PHE A 142 -17.70 -3.02 3.05
CA PHE A 142 -16.92 -3.40 1.88
C PHE A 142 -17.63 -2.99 0.61
N PRO A 143 -16.87 -2.61 -0.43
CA PRO A 143 -17.52 -2.21 -1.69
C PRO A 143 -18.41 -3.33 -2.21
N GLU A 144 -19.66 -2.99 -2.44
CA GLU A 144 -20.65 -3.96 -2.91
C GLU A 144 -20.21 -4.83 -4.09
N GLN A 145 -19.63 -4.19 -5.09
CA GLN A 145 -19.23 -4.89 -6.31
C GLN A 145 -18.25 -6.04 -6.16
N ASP A 146 -17.43 -6.03 -5.13
CA ASP A 146 -16.45 -7.11 -4.96
C ASP A 146 -16.63 -7.95 -3.71
N ARG A 147 -17.73 -7.74 -3.02
CA ARG A 147 -17.97 -8.50 -1.81
C ARG A 147 -17.95 -10.02 -1.99
N ASP A 148 -18.70 -10.53 -2.97
CA ASP A 148 -18.72 -11.99 -3.15
C ASP A 148 -17.36 -12.55 -3.51
N LEU A 149 -16.64 -11.85 -4.38
CA LEU A 149 -15.33 -12.34 -4.79
C LEU A 149 -14.37 -12.35 -3.60
N PHE A 150 -14.38 -11.30 -2.77
CA PHE A 150 -13.48 -11.33 -1.62
C PHE A 150 -13.89 -12.39 -0.60
N GLN A 151 -15.18 -12.67 -0.48
CA GLN A 151 -15.56 -13.76 0.43
C GLN A 151 -15.03 -15.09 -0.16
N ALA A 152 -15.05 -15.22 -1.48
CA ALA A 152 -14.54 -16.44 -2.11
C ALA A 152 -13.00 -16.57 -1.92
N PHE A 153 -12.26 -15.46 -2.02
CA PHE A 153 -10.80 -15.52 -1.80
C PHE A 153 -10.58 -16.03 -0.36
N ARG A 154 -11.45 -15.62 0.56
CA ARG A 154 -11.28 -16.00 1.96
C ARG A 154 -11.73 -17.45 2.27
N SER A 155 -12.43 -18.08 1.32
CA SER A 155 -12.88 -19.47 1.44
C SER A 155 -11.84 -20.38 0.76
N GLN A 156 -12.06 -21.69 0.79
CA GLN A 156 -11.15 -22.64 0.17
C GLN A 156 -11.13 -22.50 -1.35
N ALA A 157 -12.02 -21.68 -1.89
CA ALA A 157 -12.01 -21.48 -3.35
C ALA A 157 -10.82 -20.60 -3.72
N GLY A 158 -10.26 -19.91 -2.73
CA GLY A 158 -9.17 -18.99 -3.00
C GLY A 158 -8.00 -19.56 -3.74
N GLU A 159 -7.63 -20.80 -3.43
CA GLU A 159 -6.48 -21.39 -4.09
C GLU A 159 -6.69 -21.52 -5.60
N GLU A 160 -7.87 -21.97 -6.03
CA GLU A 160 -8.06 -22.08 -7.47
C GLU A 160 -8.14 -20.68 -8.13
N LEU A 161 -8.87 -19.79 -7.49
CA LEU A 161 -9.08 -18.45 -8.04
C LEU A 161 -7.77 -17.68 -8.22
N VAL A 162 -6.89 -17.77 -7.21
CA VAL A 162 -5.64 -17.03 -7.25
C VAL A 162 -4.41 -17.81 -7.69
N LEU A 163 -4.13 -18.94 -7.05
CA LEU A 163 -2.95 -19.70 -7.42
C LEU A 163 -3.04 -20.26 -8.85
N GLN A 164 -4.24 -20.67 -9.27
CA GLN A 164 -4.40 -21.23 -10.61
C GLN A 164 -4.84 -20.19 -11.65
N ASP A 165 -5.88 -19.42 -11.33
CA ASP A 165 -6.44 -18.45 -12.25
C ASP A 165 -5.91 -17.00 -12.12
N ASN A 166 -5.13 -16.71 -11.08
CA ASN A 166 -4.51 -15.38 -10.91
C ASN A 166 -5.51 -14.24 -10.95
N VAL A 167 -6.69 -14.45 -10.38
CA VAL A 167 -7.73 -13.45 -10.45
C VAL A 167 -7.47 -12.09 -9.77
N PHE A 168 -6.61 -12.03 -8.77
CA PHE A 168 -6.43 -10.72 -8.13
C PHE A 168 -5.71 -9.81 -9.10
N VAL A 169 -4.65 -10.34 -9.70
CA VAL A 169 -3.84 -9.63 -10.69
C VAL A 169 -4.64 -9.36 -11.98
N GLU A 170 -5.27 -10.39 -12.53
CA GLU A 170 -6.00 -10.26 -13.81
C GLU A 170 -7.37 -9.61 -13.79
N GLN A 171 -8.07 -9.67 -12.67
CA GLN A 171 -9.41 -9.13 -12.61
C GLN A 171 -9.61 -7.95 -11.63
N VAL A 172 -9.25 -8.14 -10.36
CA VAL A 172 -9.44 -7.08 -9.35
C VAL A 172 -8.65 -5.81 -9.64
N LEU A 173 -7.38 -5.96 -10.01
CA LEU A 173 -6.53 -4.82 -10.29
C LEU A 173 -7.09 -3.93 -11.41
N PRO A 174 -7.21 -4.46 -12.65
CA PRO A 174 -7.75 -3.65 -13.75
C PRO A 174 -9.17 -3.21 -13.44
N GLY A 175 -9.93 -4.06 -12.75
CA GLY A 175 -11.29 -3.72 -12.41
C GLY A 175 -11.45 -2.52 -11.48
N LEU A 176 -10.38 -2.13 -10.80
CA LEU A 176 -10.43 -1.01 -9.88
C LEU A 176 -9.56 0.18 -10.30
N ILE A 177 -9.33 0.28 -11.61
CA ILE A 177 -8.62 1.41 -12.19
C ILE A 177 -9.63 1.87 -13.23
N LEU A 178 -9.92 3.17 -13.25
CA LEU A 178 -10.91 3.67 -14.20
C LEU A 178 -10.46 3.63 -15.65
N ARG A 179 -9.20 3.98 -15.93
CA ARG A 179 -8.77 3.90 -17.32
C ARG A 179 -8.16 2.54 -17.68
N PRO A 180 -8.19 2.21 -18.97
CA PRO A 180 -7.63 0.94 -19.43
C PRO A 180 -6.12 1.05 -19.30
N LEU A 181 -5.47 -0.02 -18.87
CA LEU A 181 -4.02 -0.04 -18.75
C LEU A 181 -3.36 -0.51 -20.04
N SER A 182 -2.17 0.00 -20.35
CA SER A 182 -1.46 -0.49 -21.53
C SER A 182 -0.89 -1.88 -21.22
N GLU A 183 -0.38 -2.55 -22.24
CA GLU A 183 0.21 -3.86 -22.07
C GLU A 183 1.47 -3.75 -21.16
N ALA A 184 2.25 -2.68 -21.33
CA ALA A 184 3.47 -2.50 -20.53
C ALA A 184 3.11 -2.33 -19.06
N GLU A 185 2.07 -1.54 -18.77
CA GLU A 185 1.66 -1.36 -17.36
C GLU A 185 1.15 -2.69 -16.79
N MET A 186 0.30 -3.38 -17.54
CA MET A 186 -0.23 -4.66 -17.06
C MET A 186 0.90 -5.68 -16.95
N ALA A 187 1.85 -5.61 -17.87
CA ALA A 187 2.95 -6.57 -17.76
C ALA A 187 3.75 -6.31 -16.47
N ALA A 188 3.90 -5.03 -16.10
CA ALA A 188 4.67 -4.68 -14.90
C ALA A 188 3.99 -5.23 -13.64
N TYR A 189 2.66 -5.29 -13.64
CA TYR A 189 1.96 -5.79 -12.46
C TYR A 189 1.91 -7.33 -12.47
N ARG A 190 1.83 -7.92 -13.65
CA ARG A 190 1.79 -9.39 -13.78
C ARG A 190 3.12 -10.05 -13.52
N GLU A 191 4.19 -9.32 -13.81
CA GLU A 191 5.54 -9.91 -13.74
C GLU A 191 5.87 -10.80 -12.52
N PRO A 192 5.70 -10.30 -11.29
CA PRO A 192 6.02 -11.12 -10.12
C PRO A 192 5.12 -12.34 -9.93
N PHE A 193 3.97 -12.34 -10.61
CA PHE A 193 3.00 -13.41 -10.46
C PHE A 193 2.71 -14.20 -11.72
N LEU A 194 3.63 -14.16 -12.66
CA LEU A 194 3.48 -14.94 -13.89
C LEU A 194 3.35 -16.46 -13.64
N ALA A 195 4.07 -17.02 -12.68
CA ALA A 195 4.06 -18.47 -12.45
C ALA A 195 2.89 -18.99 -11.63
N ALA A 196 2.19 -20.00 -12.16
CA ALA A 196 1.06 -20.60 -11.45
C ALA A 196 1.58 -21.21 -10.14
N GLY A 197 0.71 -21.28 -9.14
CA GLY A 197 1.13 -21.87 -7.88
C GLY A 197 1.54 -20.91 -6.78
N GLU A 198 2.41 -21.37 -5.89
CA GLU A 198 2.86 -20.56 -4.74
C GLU A 198 3.45 -19.18 -5.04
N ALA A 199 3.96 -18.96 -6.25
CA ALA A 199 4.50 -17.62 -6.57
C ALA A 199 3.40 -16.56 -6.37
N ARG A 200 2.13 -16.96 -6.53
CA ARG A 200 1.01 -16.03 -6.39
C ARG A 200 0.43 -15.97 -4.99
N ARG A 201 0.96 -16.80 -4.09
CA ARG A 201 0.44 -16.85 -2.71
C ARG A 201 0.26 -15.49 -2.01
N PRO A 202 1.18 -14.54 -2.22
CA PRO A 202 0.97 -13.24 -1.55
C PRO A 202 -0.37 -12.56 -1.91
N THR A 203 -0.79 -12.68 -3.17
CA THR A 203 -2.06 -12.02 -3.58
C THR A 203 -3.32 -12.72 -3.05
N LEU A 204 -3.14 -13.91 -2.50
CA LEU A 204 -4.24 -14.71 -1.90
C LEU A 204 -4.15 -14.58 -0.38
N SER A 205 -2.94 -14.55 0.17
CA SER A 205 -2.87 -14.41 1.62
C SER A 205 -3.33 -13.02 2.03
N TRP A 206 -3.08 -12.01 1.20
CA TRP A 206 -3.50 -10.64 1.59
C TRP A 206 -5.02 -10.48 1.80
N PRO A 207 -5.86 -10.92 0.85
CA PRO A 207 -7.29 -10.70 1.16
C PRO A 207 -7.76 -11.50 2.39
N ARG A 208 -7.07 -12.60 2.69
CA ARG A 208 -7.41 -13.40 3.85
C ARG A 208 -7.02 -12.69 5.14
N GLN A 209 -6.28 -11.58 5.02
CA GLN A 209 -5.87 -10.82 6.21
C GLN A 209 -6.73 -9.58 6.52
N ILE A 210 -7.57 -9.14 5.58
CA ILE A 210 -8.36 -7.93 5.78
C ILE A 210 -9.19 -8.09 7.03
N PRO A 211 -9.14 -7.10 7.92
CA PRO A 211 -9.89 -7.19 9.17
C PRO A 211 -11.36 -6.91 8.94
N ILE A 212 -12.13 -7.99 8.71
CA ILE A 212 -13.56 -7.88 8.42
C ILE A 212 -14.42 -8.78 9.33
N ALA A 213 -15.42 -8.18 9.96
CA ALA A 213 -16.31 -8.93 10.83
C ALA A 213 -15.54 -9.63 11.93
N GLY A 214 -14.45 -8.99 12.38
CA GLY A 214 -13.64 -9.53 13.46
C GLY A 214 -12.66 -10.66 13.15
N THR A 215 -12.51 -11.02 11.88
CA THR A 215 -11.62 -12.10 11.44
C THR A 215 -10.70 -11.63 10.32
N PRO A 216 -9.40 -11.97 10.38
CA PRO A 216 -8.69 -12.75 11.40
C PRO A 216 -8.49 -11.87 12.62
N ALA A 217 -8.76 -12.40 13.82
CA ALA A 217 -8.66 -11.60 15.02
C ALA A 217 -7.33 -10.89 15.27
N ASP A 218 -6.21 -11.49 14.83
CA ASP A 218 -4.96 -10.83 15.09
C ASP A 218 -4.82 -9.50 14.32
N VAL A 219 -5.14 -9.48 13.02
CA VAL A 219 -5.04 -8.25 12.24
C VAL A 219 -6.11 -7.23 12.72
N VAL A 220 -7.29 -7.72 13.10
CA VAL A 220 -8.33 -6.79 13.62
C VAL A 220 -7.71 -6.04 14.83
N ALA A 221 -7.07 -6.77 15.74
CA ALA A 221 -6.47 -6.10 16.91
C ALA A 221 -5.43 -5.06 16.50
N ILE A 222 -4.57 -5.41 15.55
CA ILE A 222 -3.55 -4.47 15.07
C ILE A 222 -4.17 -3.18 14.48
N ALA A 223 -5.21 -3.32 13.64
CA ALA A 223 -5.86 -2.16 13.02
C ALA A 223 -6.63 -1.34 14.03
N ARG A 224 -7.24 -2.01 15.01
CA ARG A 224 -7.92 -1.29 16.07
C ARG A 224 -6.90 -0.35 16.79
N ASP A 225 -5.70 -0.88 17.05
CA ASP A 225 -4.63 -0.12 17.72
C ASP A 225 -4.21 1.12 16.93
N TYR A 226 -3.85 0.96 15.66
CA TYR A 226 -3.43 2.15 14.91
C TYR A 226 -4.59 3.09 14.60
N ALA A 227 -5.81 2.56 14.48
CA ALA A 227 -6.94 3.47 14.23
C ALA A 227 -7.11 4.41 15.44
N GLY A 228 -7.12 3.84 16.63
CA GLY A 228 -7.29 4.64 17.84
C GLY A 228 -6.21 5.69 18.00
N TRP A 229 -4.98 5.32 17.65
CA TRP A 229 -3.85 6.23 17.76
C TRP A 229 -3.91 7.38 16.72
N LEU A 230 -4.12 7.03 15.45
CA LEU A 230 -4.20 8.05 14.41
C LEU A 230 -5.27 9.09 14.71
N SER A 231 -6.40 8.64 15.26
CA SER A 231 -7.49 9.56 15.54
C SER A 231 -7.14 10.61 16.59
N GLU A 232 -6.06 10.38 17.33
CA GLU A 232 -5.65 11.32 18.37
C GLU A 232 -4.26 11.96 18.14
N SER A 233 -3.62 11.55 17.07
CA SER A 233 -2.25 12.02 16.78
C SER A 233 -2.14 13.43 16.16
N PRO A 234 -1.24 14.26 16.69
CA PRO A 234 -1.06 15.61 16.14
C PRO A 234 -0.16 15.64 14.91
N ILE A 235 0.27 14.45 14.47
CA ILE A 235 1.13 14.40 13.28
C ILE A 235 0.36 14.93 12.07
N PRO A 236 1.01 15.78 11.27
CA PRO A 236 0.39 16.35 10.05
C PRO A 236 -0.08 15.20 9.13
N LYS A 237 -1.28 15.32 8.59
CA LYS A 237 -1.74 14.28 7.68
C LYS A 237 -2.28 14.89 6.39
N LEU A 238 -2.21 14.11 5.31
CA LEU A 238 -2.79 14.50 4.03
C LEU A 238 -3.68 13.33 3.61
N PHE A 239 -4.98 13.59 3.55
CA PHE A 239 -5.94 12.54 3.17
C PHE A 239 -6.25 12.77 1.69
N ILE A 240 -5.77 11.85 0.86
CA ILE A 240 -6.03 11.92 -0.56
C ILE A 240 -7.25 11.04 -0.77
N ASN A 241 -8.40 11.70 -0.81
CA ASN A 241 -9.69 11.09 -0.96
C ASN A 241 -9.94 10.76 -2.43
N ALA A 242 -10.81 9.80 -2.70
CA ALA A 242 -11.11 9.43 -4.08
C ALA A 242 -12.60 9.34 -4.35
N GLU A 243 -12.98 9.64 -5.61
CA GLU A 243 -14.35 9.52 -6.06
C GLU A 243 -14.29 8.74 -7.39
N PRO A 244 -15.04 7.64 -7.49
CA PRO A 244 -15.93 7.13 -6.45
C PRO A 244 -15.24 6.50 -5.25
N GLY A 245 -13.94 6.20 -5.38
CA GLY A 245 -13.26 5.54 -4.29
C GLY A 245 -13.73 4.08 -4.21
N ALA A 246 -13.29 3.37 -3.18
CA ALA A 246 -13.67 1.98 -3.03
C ALA A 246 -13.66 1.60 -1.56
N LEU A 247 -12.46 1.46 -1.01
CA LEU A 247 -12.37 1.07 0.39
C LEU A 247 -12.57 2.25 1.34
N THR A 248 -12.01 3.41 1.01
CA THR A 248 -12.12 4.56 1.91
C THR A 248 -13.29 5.46 1.51
N THR A 249 -14.46 4.93 1.83
CA THR A 249 -15.74 5.54 1.55
C THR A 249 -16.62 5.22 2.75
N GLY A 250 -17.85 5.70 2.71
CA GLY A 250 -18.77 5.43 3.80
C GLY A 250 -18.22 5.66 5.20
N ARG A 251 -18.43 4.68 6.10
CA ARG A 251 -18.00 4.80 7.49
C ARG A 251 -16.50 5.04 7.62
N MET A 252 -15.68 4.34 6.84
CA MET A 252 -14.26 4.55 6.98
C MET A 252 -13.86 5.99 6.61
N ARG A 253 -14.47 6.53 5.56
CA ARG A 253 -14.15 7.90 5.15
C ARG A 253 -14.57 8.92 6.21
N ASP A 254 -15.75 8.72 6.79
CA ASP A 254 -16.21 9.60 7.88
C ASP A 254 -15.21 9.56 9.04
N PHE A 255 -14.74 8.37 9.40
CA PHE A 255 -13.77 8.21 10.49
C PHE A 255 -12.47 9.01 10.17
N CYS A 256 -11.91 8.80 8.97
CA CYS A 256 -10.70 9.50 8.55
C CYS A 256 -10.90 11.00 8.59
N ARG A 257 -12.08 11.49 8.22
CA ARG A 257 -12.32 12.94 8.26
C ARG A 257 -12.28 13.54 9.66
N THR A 258 -12.27 12.67 10.67
CA THR A 258 -12.18 13.16 12.05
C THR A 258 -10.73 13.27 12.49
N TRP A 259 -9.78 12.74 11.72
CA TRP A 259 -8.39 12.78 12.20
C TRP A 259 -7.85 14.21 12.31
N PRO A 260 -7.08 14.47 13.36
CA PRO A 260 -6.58 15.86 13.50
C PRO A 260 -5.40 16.31 12.63
N ASN A 261 -5.27 17.63 12.46
CA ASN A 261 -4.15 18.25 11.70
C ASN A 261 -4.08 17.68 10.29
N GLN A 262 -5.21 17.64 9.62
CA GLN A 262 -5.27 17.02 8.32
C GLN A 262 -5.74 17.90 7.20
N THR A 263 -5.10 17.75 6.05
CA THR A 263 -5.45 18.45 4.82
C THR A 263 -6.08 17.38 3.95
N GLU A 264 -7.05 17.78 3.15
CA GLU A 264 -7.72 16.83 2.27
C GLU A 264 -7.81 17.32 0.85
N ILE A 265 -7.68 16.40 -0.10
CA ILE A 265 -7.96 16.74 -1.51
C ILE A 265 -8.68 15.49 -2.02
N THR A 266 -9.49 15.66 -3.05
CA THR A 266 -10.19 14.53 -3.66
C THR A 266 -9.76 14.40 -5.10
N VAL A 267 -9.48 13.17 -5.53
CA VAL A 267 -9.09 12.93 -6.90
C VAL A 267 -9.99 11.85 -7.47
N ALA A 268 -10.02 11.73 -8.78
CA ALA A 268 -10.85 10.71 -9.42
C ALA A 268 -10.13 9.36 -9.33
N GLY A 269 -10.87 8.31 -8.99
CA GLY A 269 -10.32 6.96 -8.93
C GLY A 269 -11.21 6.02 -8.14
N ALA A 270 -10.96 4.70 -8.24
CA ALA A 270 -11.70 3.67 -7.52
C ALA A 270 -10.74 3.24 -6.41
N HIS A 271 -10.03 2.13 -6.59
CA HIS A 271 -9.07 1.73 -5.55
C HIS A 271 -7.62 2.07 -5.89
N PHE A 272 -7.16 1.67 -7.06
CA PHE A 272 -5.78 1.93 -7.44
C PHE A 272 -5.69 3.28 -8.12
N ILE A 273 -6.03 4.31 -7.33
CA ILE A 273 -6.11 5.68 -7.82
C ILE A 273 -4.87 6.31 -8.39
N GLN A 274 -3.73 5.73 -8.04
CA GLN A 274 -2.46 6.23 -8.58
C GLN A 274 -2.44 6.06 -10.09
N GLU A 275 -3.24 5.13 -10.63
CA GLU A 275 -3.22 4.93 -12.07
C GLU A 275 -4.14 5.88 -12.84
N ASP A 276 -5.02 6.55 -12.11
CA ASP A 276 -5.97 7.48 -12.72
C ASP A 276 -5.66 8.96 -12.54
N SER A 277 -5.17 9.33 -11.38
CA SER A 277 -4.87 10.75 -11.09
C SER A 277 -3.48 10.96 -10.46
N PRO A 278 -2.42 10.41 -11.08
CA PRO A 278 -1.08 10.57 -10.52
C PRO A 278 -0.57 12.01 -10.32
N ASP A 279 -0.84 12.88 -11.28
CA ASP A 279 -0.34 14.25 -11.14
C ASP A 279 -1.04 15.03 -10.03
N GLU A 280 -2.35 14.85 -9.89
CA GLU A 280 -3.04 15.58 -8.84
C GLU A 280 -2.56 15.06 -7.47
N ILE A 281 -2.35 13.74 -7.38
CA ILE A 281 -1.89 13.11 -6.15
C ILE A 281 -0.47 13.60 -5.83
N GLY A 282 0.41 13.50 -6.82
CA GLY A 282 1.77 13.95 -6.60
C GLY A 282 1.87 15.42 -6.24
N ALA A 283 1.08 16.27 -6.89
CA ALA A 283 1.18 17.70 -6.61
C ALA A 283 0.76 18.00 -5.17
N ALA A 284 -0.24 17.28 -4.68
CA ALA A 284 -0.69 17.56 -3.33
C ALA A 284 0.35 17.06 -2.34
N ILE A 285 0.94 15.89 -2.60
CA ILE A 285 2.00 15.37 -1.68
C ILE A 285 3.17 16.38 -1.68
N ALA A 286 3.54 16.89 -2.85
CA ALA A 286 4.63 17.86 -2.91
C ALA A 286 4.28 19.13 -2.09
N ALA A 287 3.06 19.64 -2.25
CA ALA A 287 2.69 20.85 -1.50
C ALA A 287 2.75 20.57 0.01
N PHE A 288 2.32 19.38 0.40
CA PHE A 288 2.32 18.96 1.80
C PHE A 288 3.76 18.91 2.32
N VAL A 289 4.64 18.26 1.57
CA VAL A 289 6.03 18.17 2.01
C VAL A 289 6.71 19.55 2.09
N ARG A 290 6.39 20.46 1.17
CA ARG A 290 6.98 21.79 1.20
C ARG A 290 6.54 22.53 2.45
N ARG A 291 5.32 22.30 2.92
CA ARG A 291 4.87 22.96 4.16
C ARG A 291 5.63 22.37 5.35
N LEU A 292 5.81 21.06 5.36
CA LEU A 292 6.54 20.38 6.41
C LEU A 292 8.05 20.68 6.44
N ARG A 293 8.61 20.99 5.28
CA ARG A 293 10.04 21.23 5.16
C ARG A 293 10.30 22.62 4.52
N PRO A 294 9.87 23.71 5.20
CA PRO A 294 10.03 25.08 4.70
C PRO A 294 11.47 25.42 4.29
N ALA A 295 11.67 25.69 3.00
CA ALA A 295 12.99 25.96 2.44
C ALA A 295 13.38 27.44 2.32
BR BR B . -6.32 -7.51 -0.36
BR BR C . -9.55 -15.53 13.61
CL CL D . -6.16 -7.84 -0.17
CL CL E . -10.17 -15.20 13.72
MG MG F . -19.94 1.50 1.20
MG MG G . 11.06 -12.01 -9.79
MG MG H . 19.72 -14.87 -2.21
C1 BRP I . -10.05 -3.99 0.15
C2 BRP I . -9.29 -4.10 -0.93
C3 BRP I . -7.85 -4.57 -0.83
BR BRP I . -10.00 -3.67 -2.63
O BRP I . -7.46 -4.85 0.52
C1 BRP J . -9.09 -4.19 -3.43
C2 BRP J . -9.87 -3.69 -2.45
C3 BRP J . -9.50 -3.84 -0.99
BR BRP J . -11.48 -2.79 -2.93
O BRP J . -8.26 -4.55 -0.82
#